data_3CYM
#
_entry.id   3CYM
#
_cell.length_a   42.163
_cell.length_b   94.422
_cell.length_c   113.196
_cell.angle_alpha   90.00
_cell.angle_beta   90.00
_cell.angle_gamma   90.00
#
_symmetry.space_group_name_H-M   'P 21 21 21'
#
loop_
_entity.id
_entity.type
_entity.pdbx_description
1 polymer 'Uncharacterized protein BAD_0989'
2 non-polymer 'SODIUM ION'
3 non-polymer GLYCEROL
4 water water
#
_entity_poly.entity_id   1
_entity_poly.type   'polypeptide(L)'
_entity_poly.pdbx_seq_one_letter_code
;MSLTDEPKLLAEPREGVPNVIDTLPAFRDYCSELASSHGSLAADAERASGFRYGHEDWLVQFKRDGAGIGLLDPQALAAA
GADWNDFNRAVGDAVWILHDSLQDLPGFDELGMEPQRLFDTEIAARLLGLKRFGLAAVTEHFLGLTLAKEHSAADWSYRP
LPRDWRNYAALDVELLIELETKMRAELKRQGKMEWAQEEFDYALKEGLGPRKEHLIPWMHVSHITEVMRDRQALAIVRAL
WTRRDELAREYDIAPTLLLSDSSIIEVAKRKPHNAAQFRSIRSINERVRIHTDSEQDKMFERYAPIQRKIKPSMWKNIIQ
DALALPPSEWPDVDGGAARRHESQSASAPKSIRVWKERYPERLQVLNRVRKAVSQIAEDTRTPVEIVIKPQYLRNLCWTD
EPRKRDVARFLSEQGARDWQVSLVAESVSRAIEGHHHHHH
;
_entity_poly.pdbx_strand_id   A
#
# COMPACT_ATOMS: atom_id res chain seq x y z
N GLU A 6 -0.49 31.90 3.40
CA GLU A 6 -0.35 31.89 4.89
C GLU A 6 -1.11 30.72 5.54
N PRO A 7 -0.55 29.48 5.46
CA PRO A 7 -1.21 28.32 6.05
C PRO A 7 -1.30 28.37 7.57
N LYS A 8 -2.37 27.79 8.12
CA LYS A 8 -2.58 27.77 9.56
C LYS A 8 -2.54 26.33 10.06
N LEU A 9 -1.78 26.08 11.12
CA LEU A 9 -1.74 24.75 11.72
C LEU A 9 -3.07 24.39 12.41
N LEU A 10 -3.65 23.28 11.96
CA LEU A 10 -4.82 22.72 12.61
C LEU A 10 -4.32 21.64 13.57
N ALA A 11 -4.30 21.97 14.86
CA ALA A 11 -3.77 21.10 15.92
C ALA A 11 -4.74 20.01 16.37
N GLU A 12 -6.04 20.32 16.35
CA GLU A 12 -7.09 19.37 16.72
C GLU A 12 -8.30 19.56 15.80
N PRO A 13 -9.21 18.56 15.70
CA PRO A 13 -10.48 18.77 15.01
C PRO A 13 -11.33 19.84 15.67
N ARG A 14 -12.25 20.43 14.90
N ARG A 14 -12.25 20.44 14.91
CA ARG A 14 -13.14 21.48 15.38
CA ARG A 14 -13.11 21.50 15.43
C ARG A 14 -14.05 20.97 16.49
C ARG A 14 -14.08 20.98 16.49
N GLU A 15 -14.43 19.70 16.41
CA GLU A 15 -15.33 19.09 17.37
CA GLU A 15 -15.33 19.04 17.34
C GLU A 15 -14.58 18.48 18.55
N GLY A 16 -13.26 18.55 18.51
CA GLY A 16 -12.41 18.02 19.57
C GLY A 16 -11.94 16.63 19.26
N VAL A 17 -11.07 16.10 20.12
CA VAL A 17 -10.54 14.75 19.98
C VAL A 17 -11.60 13.74 20.43
N PRO A 18 -12.03 12.86 19.50
CA PRO A 18 -13.06 11.86 19.79
C PRO A 18 -12.56 10.72 20.69
N ASN A 19 -13.49 10.07 21.38
CA ASN A 19 -13.21 8.82 22.07
C ASN A 19 -13.33 7.70 21.07
N VAL A 20 -12.62 6.60 21.32
CA VAL A 20 -12.70 5.43 20.45
C VAL A 20 -14.04 4.71 20.66
N ILE A 21 -14.63 4.27 19.56
CA ILE A 21 -15.82 3.44 19.59
C ILE A 21 -15.37 1.98 19.60
N ASP A 22 -15.62 1.32 20.73
CA ASP A 22 -15.16 -0.05 20.94
C ASP A 22 -16.19 -0.95 21.62
N THR A 23 -17.41 -0.44 21.78
CA THR A 23 -18.52 -1.24 22.31
C THR A 23 -19.67 -1.32 21.30
N LEU A 24 -20.46 -2.38 21.39
CA LEU A 24 -21.67 -2.53 20.56
C LEU A 24 -22.66 -1.36 20.65
N PRO A 25 -23.04 -0.90 21.87
CA PRO A 25 -23.96 0.26 21.89
C PRO A 25 -23.40 1.53 21.24
N ALA A 26 -22.10 1.78 21.38
CA ALA A 26 -21.47 2.96 20.80
C ALA A 26 -21.38 2.87 19.27
N PHE A 27 -21.24 1.65 18.77
CA PHE A 27 -21.28 1.34 17.34
C PHE A 27 -22.67 1.55 16.72
N ARG A 28 -23.72 1.03 17.38
CA ARG A 28 -25.09 1.20 16.93
C ARG A 28 -25.50 2.67 16.97
N ASP A 29 -24.92 3.42 17.91
CA ASP A 29 -25.20 4.85 18.04
C ASP A 29 -24.59 5.65 16.89
N TYR A 30 -23.33 5.35 16.56
CA TYR A 30 -22.65 6.04 15.47
C TYR A 30 -23.28 5.72 14.12
N CYS A 31 -23.67 4.47 13.92
CA CYS A 31 -24.40 4.07 12.70
C CYS A 31 -25.69 4.85 12.50
N SER A 32 -26.46 5.03 13.57
CA SER A 32 -27.68 5.87 13.55
C SER A 32 -27.41 7.32 13.16
N GLU A 33 -26.33 7.87 13.71
CA GLU A 33 -25.90 9.23 13.37
C GLU A 33 -25.44 9.35 11.93
N LEU A 34 -24.81 8.30 11.41
CA LEU A 34 -24.41 8.23 10.01
C LEU A 34 -25.61 8.12 9.09
N ALA A 35 -26.67 7.47 9.57
CA ALA A 35 -27.90 7.26 8.81
C ALA A 35 -28.69 8.57 8.76
N SER A 36 -28.51 9.36 9.82
CA SER A 36 -29.16 10.66 9.97
CA SER A 36 -29.15 10.66 9.97
C SER A 36 -28.40 11.80 9.29
N SER A 37 -27.23 11.49 8.74
CA SER A 37 -26.37 12.52 8.15
C SER A 37 -26.49 12.64 6.63
N HIS A 38 -25.91 13.70 6.07
CA HIS A 38 -25.97 13.97 4.63
C HIS A 38 -24.58 14.16 4.02
N GLY A 39 -24.51 14.07 2.69
CA GLY A 39 -23.26 14.24 1.97
C GLY A 39 -22.30 13.08 2.13
N SER A 40 -21.04 13.32 1.76
CA SER A 40 -20.03 12.28 1.62
C SER A 40 -19.43 11.76 2.92
N LEU A 41 -18.91 10.54 2.87
CA LEU A 41 -18.26 9.91 3.99
C LEU A 41 -16.74 10.04 3.87
N ALA A 42 -16.16 10.89 4.72
CA ALA A 42 -14.70 10.95 4.88
C ALA A 42 -14.25 9.65 5.56
N ALA A 43 -13.28 8.95 4.96
CA ALA A 43 -12.81 7.67 5.48
C ALA A 43 -11.29 7.54 5.55
N ASP A 44 -10.82 6.70 6.47
CA ASP A 44 -9.40 6.32 6.58
C ASP A 44 -9.24 5.08 7.46
N ALA A 45 -8.02 4.54 7.52
CA ALA A 45 -7.72 3.39 8.36
C ALA A 45 -6.27 3.41 8.80
N GLU A 46 -6.04 2.91 10.01
CA GLU A 46 -4.68 2.75 10.51
C GLU A 46 -4.30 1.29 10.65
N ARG A 47 -3.04 0.99 10.36
CA ARG A 47 -2.53 -0.37 10.52
C ARG A 47 -1.18 -0.40 11.24
N ALA A 48 -0.90 -1.52 11.89
CA ALA A 48 0.31 -1.63 12.69
C ALA A 48 1.45 -2.27 11.87
N SER A 49 1.70 -1.69 10.69
CA SER A 49 2.75 -2.16 9.78
CA SER A 49 2.74 -2.21 9.80
C SER A 49 4.13 -2.02 10.42
N GLY A 50 4.99 -3.02 10.21
CA GLY A 50 6.29 -3.03 10.86
C GLY A 50 6.24 -3.70 12.21
N PHE A 51 5.04 -3.76 12.80
CA PHE A 51 4.83 -4.37 14.12
C PHE A 51 4.06 -5.69 14.07
N ARG A 52 2.80 -5.63 13.66
CA ARG A 52 1.97 -6.83 13.49
C ARG A 52 2.25 -7.51 12.16
N TYR A 53 1.57 -8.62 11.90
CA TYR A 53 1.84 -9.43 10.71
C TYR A 53 1.67 -8.73 9.37
N GLY A 54 0.43 -8.41 9.01
CA GLY A 54 0.15 -7.89 7.68
C GLY A 54 -0.48 -6.51 7.69
N HIS A 55 -1.60 -6.39 6.99
CA HIS A 55 -2.25 -5.10 6.80
C HIS A 55 -3.69 -5.13 7.32
N GLU A 56 -3.85 -5.73 8.50
CA GLU A 56 -5.10 -5.69 9.23
C GLU A 56 -5.26 -4.31 9.84
N ASP A 57 -6.46 -3.75 9.73
CA ASP A 57 -6.74 -2.45 10.31
C ASP A 57 -6.90 -2.58 11.83
N TRP A 58 -6.14 -1.76 12.55
CA TRP A 58 -6.27 -1.66 14.00
C TRP A 58 -7.05 -0.42 14.42
N LEU A 59 -7.43 0.38 13.41
CA LEU A 59 -8.33 1.51 13.60
C LEU A 59 -8.97 1.87 12.27
N VAL A 60 -10.18 2.41 12.35
CA VAL A 60 -10.96 2.79 11.19
C VAL A 60 -11.61 4.14 11.53
N GLN A 61 -11.46 5.13 10.64
CA GLN A 61 -11.85 6.50 10.93
C GLN A 61 -12.87 7.01 9.94
N PHE A 62 -13.96 7.58 10.45
CA PHE A 62 -15.02 8.13 9.61
C PHE A 62 -15.46 9.51 10.04
N LYS A 63 -15.95 10.28 9.08
CA LYS A 63 -16.62 11.53 9.37
C LYS A 63 -17.75 11.75 8.39
N ARG A 64 -18.91 12.14 8.93
CA ARG A 64 -20.01 12.62 8.10
C ARG A 64 -20.62 13.83 8.79
N ASP A 65 -21.00 14.83 7.99
CA ASP A 65 -21.57 16.09 8.48
C ASP A 65 -22.79 15.84 9.37
N GLY A 66 -22.62 16.10 10.67
CA GLY A 66 -23.69 15.90 11.64
C GLY A 66 -23.44 14.73 12.58
N ALA A 67 -22.80 13.69 12.05
CA ALA A 67 -22.43 12.53 12.84
C ALA A 67 -21.10 12.77 13.53
N GLY A 68 -20.27 13.61 12.92
CA GLY A 68 -18.95 13.90 13.45
C GLY A 68 -17.98 12.76 13.21
N ILE A 69 -16.88 12.76 13.95
CA ILE A 69 -15.81 11.78 13.75
C ILE A 69 -16.02 10.52 14.60
N GLY A 70 -15.99 9.37 13.92
CA GLY A 70 -15.96 8.07 14.58
C GLY A 70 -14.63 7.37 14.42
N LEU A 71 -13.98 7.04 15.54
CA LEU A 71 -12.76 6.23 15.55
C LEU A 71 -13.13 4.83 16.02
N LEU A 72 -13.16 3.87 15.10
CA LEU A 72 -13.75 2.58 15.40
C LEU A 72 -12.65 1.53 15.57
N ASP A 73 -12.68 0.84 16.71
CA ASP A 73 -11.76 -0.24 17.04
C ASP A 73 -12.30 -1.55 16.45
N PRO A 74 -11.73 -2.01 15.31
CA PRO A 74 -12.27 -3.20 14.63
C PRO A 74 -12.23 -4.50 15.47
N GLN A 75 -11.13 -4.70 16.20
CA GLN A 75 -10.91 -5.91 16.99
C GLN A 75 -11.88 -6.01 18.17
N ALA A 76 -12.02 -4.92 18.92
CA ALA A 76 -13.01 -4.83 19.99
C ALA A 76 -14.44 -4.98 19.50
N LEU A 77 -14.74 -4.41 18.33
CA LEU A 77 -16.09 -4.46 17.77
C LEU A 77 -16.44 -5.83 17.20
N ALA A 78 -15.45 -6.53 16.67
CA ALA A 78 -15.62 -7.93 16.29
C ALA A 78 -15.93 -8.83 17.50
N ALA A 79 -15.23 -8.58 18.60
CA ALA A 79 -15.45 -9.28 19.88
C ALA A 79 -16.79 -8.91 20.51
N ALA A 80 -17.22 -7.66 20.30
CA ALA A 80 -18.53 -7.20 20.78
C ALA A 80 -19.67 -7.70 19.87
N GLY A 81 -19.30 -8.29 18.73
CA GLY A 81 -20.26 -8.83 17.78
C GLY A 81 -21.00 -7.76 16.99
N ALA A 82 -20.27 -6.70 16.64
CA ALA A 82 -20.80 -5.66 15.76
C ALA A 82 -20.96 -6.22 14.35
N ASP A 83 -22.04 -5.82 13.69
CA ASP A 83 -22.33 -6.22 12.33
C ASP A 83 -21.96 -5.03 11.44
N TRP A 84 -20.98 -5.21 10.57
CA TRP A 84 -20.53 -4.15 9.68
C TRP A 84 -21.54 -3.86 8.56
N ASN A 85 -22.55 -4.73 8.44
CA ASN A 85 -23.63 -4.54 7.48
CA ASN A 85 -23.64 -4.54 7.48
C ASN A 85 -24.59 -3.43 7.94
N ASP A 86 -24.62 -3.16 9.24
CA ASP A 86 -25.37 -2.04 9.80
C ASP A 86 -24.78 -0.75 9.29
N PHE A 87 -23.45 -0.70 9.22
CA PHE A 87 -22.70 0.42 8.68
C PHE A 87 -23.04 0.73 7.23
N ASN A 88 -23.04 -0.30 6.39
CA ASN A 88 -23.37 -0.17 4.96
C ASN A 88 -24.77 0.36 4.72
N ARG A 89 -25.71 -0.10 5.54
CA ARG A 89 -27.11 0.31 5.45
C ARG A 89 -27.28 1.75 5.92
N ALA A 90 -26.50 2.12 6.93
CA ALA A 90 -26.48 3.49 7.44
C ALA A 90 -25.92 4.49 6.42
N VAL A 91 -24.92 4.08 5.65
CA VAL A 91 -24.19 4.96 4.73
C VAL A 91 -24.82 4.94 3.33
N GLY A 92 -25.27 3.75 2.92
CA GLY A 92 -25.91 3.59 1.61
C GLY A 92 -24.93 3.76 0.47
N ASP A 93 -25.34 4.55 -0.51
CA ASP A 93 -24.57 4.74 -1.75
C ASP A 93 -23.80 6.05 -1.72
N ALA A 94 -23.52 6.53 -0.51
CA ALA A 94 -22.75 7.76 -0.29
C ALA A 94 -21.32 7.64 -0.81
N VAL A 95 -20.75 8.77 -1.18
CA VAL A 95 -19.40 8.84 -1.71
C VAL A 95 -18.40 8.70 -0.58
N TRP A 96 -17.50 7.74 -0.70
CA TRP A 96 -16.40 7.62 0.25
C TRP A 96 -15.24 8.48 -0.24
N ILE A 97 -14.72 9.34 0.63
CA ILE A 97 -13.52 10.10 0.34
C ILE A 97 -12.33 9.43 1.02
N LEU A 98 -11.36 9.04 0.19
N LEU A 98 -11.35 9.05 0.20
CA LEU A 98 -10.16 8.38 0.65
CA LEU A 98 -10.15 8.34 0.66
C LEU A 98 -8.98 9.05 -0.03
C LEU A 98 -8.92 8.87 -0.07
N HIS A 99 -7.86 9.14 0.68
CA HIS A 99 -6.61 9.64 0.09
C HIS A 99 -5.76 8.42 -0.19
N ASP A 100 -5.53 8.14 -1.48
CA ASP A 100 -4.86 6.92 -1.95
C ASP A 100 -5.68 5.69 -1.54
N SER A 101 -6.78 5.49 -2.27
CA SER A 101 -7.80 4.51 -1.93
C SER A 101 -7.34 3.05 -2.06
N LEU A 102 -6.29 2.81 -2.84
CA LEU A 102 -5.75 1.46 -3.00
C LEU A 102 -5.17 0.90 -1.70
N GLN A 103 -4.82 1.80 -0.78
CA GLN A 103 -4.30 1.42 0.54
C GLN A 103 -5.37 0.89 1.51
N ASP A 104 -6.53 1.56 1.57
CA ASP A 104 -7.55 1.22 2.57
C ASP A 104 -8.73 0.38 2.08
N LEU A 105 -8.94 0.34 0.77
CA LEU A 105 -10.05 -0.44 0.23
C LEU A 105 -9.97 -1.97 0.46
N PRO A 106 -8.77 -2.58 0.38
CA PRO A 106 -8.74 -4.01 0.68
C PRO A 106 -9.16 -4.36 2.11
N GLY A 107 -8.73 -3.54 3.07
CA GLY A 107 -9.06 -3.73 4.48
C GLY A 107 -10.52 -3.48 4.79
N PHE A 108 -11.10 -2.45 4.17
CA PHE A 108 -12.53 -2.16 4.26
C PHE A 108 -13.38 -3.30 3.71
N ASP A 109 -12.99 -3.80 2.53
CA ASP A 109 -13.61 -4.98 1.91
C ASP A 109 -13.54 -6.20 2.83
N GLU A 110 -12.38 -6.39 3.47
CA GLU A 110 -12.20 -7.51 4.39
C GLU A 110 -13.03 -7.45 5.67
N LEU A 111 -13.41 -6.25 6.09
CA LEU A 111 -14.34 -6.11 7.22
C LEU A 111 -15.80 -6.28 6.80
N GLY A 112 -16.05 -6.25 5.49
CA GLY A 112 -17.39 -6.44 4.95
C GLY A 112 -18.07 -5.14 4.56
N MET A 113 -17.31 -4.05 4.53
CA MET A 113 -17.83 -2.78 4.07
C MET A 113 -17.97 -2.78 2.55
N GLU A 114 -18.93 -2.00 2.04
CA GLU A 114 -19.21 -1.95 0.61
C GLU A 114 -19.36 -0.52 0.09
N PRO A 115 -18.24 0.21 -0.07
CA PRO A 115 -18.27 1.55 -0.69
C PRO A 115 -18.84 1.50 -2.12
N GLN A 116 -19.82 2.34 -2.40
CA GLN A 116 -20.51 2.28 -3.69
C GLN A 116 -20.06 3.36 -4.65
N ARG A 117 -19.46 4.42 -4.10
CA ARG A 117 -18.91 5.53 -4.86
C ARG A 117 -17.61 5.99 -4.18
N LEU A 118 -16.73 6.59 -4.96
CA LEU A 118 -15.42 7.01 -4.45
C LEU A 118 -15.01 8.36 -4.98
N PHE A 119 -14.42 9.17 -4.11
CA PHE A 119 -13.60 10.29 -4.54
C PHE A 119 -12.23 10.08 -3.91
N ASP A 120 -11.22 9.87 -4.75
CA ASP A 120 -9.86 9.70 -4.27
C ASP A 120 -9.12 11.04 -4.34
N THR A 121 -8.81 11.63 -3.18
CA THR A 121 -8.16 12.94 -3.13
C THR A 121 -6.70 12.88 -3.60
N GLU A 122 -6.08 11.70 -3.54
CA GLU A 122 -4.73 11.57 -4.05
C GLU A 122 -4.78 11.52 -5.56
N ILE A 123 -5.66 10.67 -6.11
CA ILE A 123 -5.82 10.56 -7.56
C ILE A 123 -6.16 11.91 -8.22
N ALA A 124 -7.13 12.61 -7.64
CA ALA A 124 -7.51 13.96 -8.07
C ALA A 124 -6.35 14.96 -8.01
N ALA A 125 -5.56 14.94 -6.95
CA ALA A 125 -4.40 15.84 -6.83
C ALA A 125 -3.36 15.64 -7.94
N ARG A 126 -3.11 14.39 -8.29
CA ARG A 126 -2.17 13.99 -9.35
CA ARG A 126 -2.13 14.08 -9.31
C ARG A 126 -2.63 14.47 -10.72
N LEU A 127 -3.90 14.20 -11.04
CA LEU A 127 -4.51 14.68 -12.29
C LEU A 127 -4.42 16.19 -12.42
N LEU A 128 -4.63 16.88 -11.31
CA LEU A 128 -4.49 18.35 -11.19
C LEU A 128 -3.06 18.83 -11.32
N GLY A 129 -2.10 17.91 -11.23
CA GLY A 129 -0.71 18.23 -11.44
C GLY A 129 0.07 18.49 -10.17
N LEU A 130 -0.52 18.19 -9.01
CA LEU A 130 0.18 18.35 -7.73
C LEU A 130 1.32 17.36 -7.56
N LYS A 131 2.51 17.93 -7.63
CA LYS A 131 3.80 17.26 -7.54
C LYS A 131 4.11 16.57 -6.20
N ARG A 132 3.67 17.19 -5.10
CA ARG A 132 3.71 16.54 -3.79
C ARG A 132 2.27 16.32 -3.36
N PHE A 133 1.90 15.06 -3.26
CA PHE A 133 0.50 14.66 -3.20
C PHE A 133 0.16 13.81 -1.98
N GLY A 134 0.93 13.98 -0.91
CA GLY A 134 0.54 13.43 0.39
C GLY A 134 -0.61 14.24 0.95
N LEU A 135 -1.29 13.70 1.96
CA LEU A 135 -2.45 14.38 2.55
C LEU A 135 -2.14 15.81 3.01
N ALA A 136 -1.07 15.97 3.79
CA ALA A 136 -0.67 17.26 4.32
C ALA A 136 -0.41 18.33 3.25
N ALA A 137 0.30 17.97 2.19
CA ALA A 137 0.61 18.88 1.07
C ALA A 137 -0.63 19.30 0.28
N VAL A 138 -1.56 18.35 0.13
CA VAL A 138 -2.84 18.56 -0.56
C VAL A 138 -3.81 19.46 0.22
N THR A 139 -3.96 19.23 1.52
N THR A 139 -3.92 19.20 1.53
CA THR A 139 -4.85 20.10 2.31
CA THR A 139 -4.77 20.01 2.42
C THR A 139 -4.28 21.51 2.52
C THR A 139 -4.28 21.46 2.50
N GLU A 140 -2.96 21.65 2.52
CA GLU A 140 -2.35 22.98 2.61
C GLU A 140 -2.54 23.76 1.31
N HIS A 141 -2.44 23.06 0.18
CA HIS A 141 -2.63 23.66 -1.14
C HIS A 141 -4.06 24.19 -1.32
N PHE A 142 -5.04 23.40 -0.92
CA PHE A 142 -6.44 23.71 -1.23
C PHE A 142 -7.22 24.42 -0.12
N LEU A 143 -6.82 24.20 1.14
CA LEU A 143 -7.57 24.71 2.27
C LEU A 143 -6.74 25.70 3.10
N GLY A 144 -5.43 25.75 2.85
CA GLY A 144 -4.52 26.60 3.61
C GLY A 144 -4.40 26.14 5.05
N LEU A 145 -4.52 24.83 5.27
CA LEU A 145 -4.44 24.26 6.62
C LEU A 145 -3.37 23.17 6.70
N THR A 146 -2.55 23.26 7.74
CA THR A 146 -1.41 22.38 7.96
C THR A 146 -1.77 21.27 8.97
N LEU A 147 -1.52 20.03 8.59
CA LEU A 147 -1.61 18.91 9.52
C LEU A 147 -0.19 18.44 9.84
N ALA A 148 0.16 18.44 11.13
CA ALA A 148 1.47 17.93 11.56
C ALA A 148 1.38 16.42 11.72
N LYS A 149 1.79 15.69 10.69
CA LYS A 149 1.55 14.24 10.63
C LYS A 149 2.55 13.46 11.50
N GLU A 150 2.27 13.44 12.80
CA GLU A 150 3.24 13.04 13.83
C GLU A 150 3.24 11.56 14.23
N HIS A 151 2.11 10.88 14.06
CA HIS A 151 1.97 9.50 14.55
C HIS A 151 1.70 8.49 13.43
N SER A 152 2.33 8.73 12.28
CA SER A 152 2.15 7.91 11.08
CA SER A 152 2.15 7.91 11.08
C SER A 152 2.71 6.50 11.24
N ALA A 153 3.86 6.37 11.89
CA ALA A 153 4.54 5.08 12.04
C ALA A 153 4.31 4.42 13.41
N ALA A 154 3.16 4.72 14.01
CA ALA A 154 2.77 4.18 15.31
C ALA A 154 2.37 2.71 15.23
N ASP A 155 2.48 2.03 16.37
CA ASP A 155 1.93 0.69 16.48
C ASP A 155 0.46 0.83 16.84
N TRP A 156 -0.41 0.79 15.83
CA TRP A 156 -1.84 1.04 16.05
C TRP A 156 -2.58 -0.05 16.82
N SER A 157 -1.88 -1.14 17.13
CA SER A 157 -2.41 -2.21 17.98
C SER A 157 -2.32 -1.91 19.48
N TYR A 158 -1.68 -0.79 19.83
CA TYR A 158 -1.53 -0.38 21.23
C TYR A 158 -2.90 -0.03 21.83
N ARG A 159 -3.27 -0.70 22.92
CA ARG A 159 -4.50 -0.36 23.65
C ARG A 159 -4.17 -0.03 25.12
N PRO A 160 -4.82 1.00 25.69
CA PRO A 160 -5.74 1.94 25.05
C PRO A 160 -4.98 2.91 24.14
N LEU A 161 -5.65 3.38 23.09
CA LEU A 161 -5.05 4.37 22.20
C LEU A 161 -4.89 5.71 22.92
N PRO A 162 -3.66 6.25 22.93
CA PRO A 162 -3.32 7.56 23.52
C PRO A 162 -4.10 8.70 22.86
N ARG A 163 -4.24 9.82 23.58
CA ARG A 163 -5.04 10.95 23.10
C ARG A 163 -4.43 11.62 21.86
N ASP A 164 -3.10 11.70 21.80
CA ASP A 164 -2.39 12.27 20.66
C ASP A 164 -2.62 11.48 19.37
N TRP A 165 -2.63 10.14 19.51
CA TRP A 165 -2.83 9.22 18.39
C TRP A 165 -4.27 9.29 17.87
N ARG A 166 -5.22 9.34 18.81
CA ARG A 166 -6.63 9.52 18.48
CA ARG A 166 -6.62 9.51 18.47
C ARG A 166 -6.83 10.83 17.74
N ASN A 167 -6.10 11.86 18.16
CA ASN A 167 -6.10 13.17 17.52
C ASN A 167 -5.57 13.13 16.08
N TYR A 168 -4.44 12.43 15.89
CA TYR A 168 -3.88 12.19 14.56
C TYR A 168 -4.88 11.48 13.65
N ALA A 169 -5.51 10.43 14.16
CA ALA A 169 -6.43 9.61 13.39
C ALA A 169 -7.70 10.38 13.02
N ALA A 170 -8.16 11.22 13.95
CA ALA A 170 -9.28 12.13 13.70
C ALA A 170 -8.93 13.19 12.65
N LEU A 171 -7.76 13.81 12.80
CA LEU A 171 -7.33 14.85 11.86
C LEU A 171 -7.18 14.37 10.42
N ASP A 172 -6.93 13.07 10.25
CA ASP A 172 -6.83 12.48 8.91
C ASP A 172 -8.13 12.34 8.12
N VAL A 173 -9.28 12.35 8.80
CA VAL A 173 -10.60 12.42 8.14
C VAL A 173 -11.31 13.77 8.28
N GLU A 174 -10.76 14.63 9.14
CA GLU A 174 -11.33 15.95 9.49
C GLU A 174 -11.59 16.91 8.32
N LEU A 175 -10.77 16.85 7.28
CA LEU A 175 -10.85 17.83 6.19
C LEU A 175 -11.18 17.26 4.83
N LEU A 176 -11.48 15.97 4.76
CA LEU A 176 -11.72 15.28 3.50
C LEU A 176 -12.98 15.72 2.74
N ILE A 177 -14.06 16.05 3.44
CA ILE A 177 -15.26 16.50 2.73
C ILE A 177 -15.05 17.89 2.11
N GLU A 178 -14.32 18.74 2.82
CA GLU A 178 -13.96 20.08 2.32
C GLU A 178 -12.92 19.99 1.20
N LEU A 179 -12.03 19.00 1.29
CA LEU A 179 -11.07 18.73 0.22
C LEU A 179 -11.77 18.39 -1.08
N GLU A 180 -12.67 17.39 -1.02
CA GLU A 180 -13.46 16.94 -2.17
C GLU A 180 -14.15 18.09 -2.89
N THR A 181 -14.79 18.97 -2.11
CA THR A 181 -15.54 20.13 -2.63
C THR A 181 -14.66 21.06 -3.48
N LYS A 182 -13.55 21.53 -2.89
CA LYS A 182 -12.56 22.36 -3.60
C LYS A 182 -11.94 21.66 -4.81
N MET A 183 -11.62 20.37 -4.65
CA MET A 183 -10.94 19.62 -5.70
C MET A 183 -11.86 19.26 -6.88
N ARG A 184 -13.15 19.07 -6.61
CA ARG A 184 -14.15 18.90 -7.66
C ARG A 184 -14.30 20.15 -8.49
N ALA A 185 -14.39 21.29 -7.83
CA ALA A 185 -14.50 22.60 -8.47
C ALA A 185 -13.30 22.87 -9.38
N GLU A 186 -12.11 22.54 -8.91
CA GLU A 186 -10.87 22.67 -9.69
C GLU A 186 -10.75 21.67 -10.84
N LEU A 187 -11.14 20.41 -10.63
CA LEU A 187 -11.14 19.42 -11.72
C LEU A 187 -12.06 19.86 -12.86
N LYS A 188 -13.24 20.35 -12.49
CA LYS A 188 -14.22 20.84 -13.45
C LYS A 188 -13.68 22.02 -14.25
N ARG A 189 -13.00 22.93 -13.57
CA ARG A 189 -12.42 24.10 -14.23
C ARG A 189 -11.20 23.75 -15.09
N GLN A 190 -10.48 22.69 -14.73
CA GLN A 190 -9.38 22.18 -15.56
C GLN A 190 -9.88 21.22 -16.64
N GLY A 191 -11.17 20.89 -16.59
CA GLY A 191 -11.80 19.99 -17.54
C GLY A 191 -11.35 18.55 -17.42
N LYS A 192 -11.01 18.14 -16.19
CA LYS A 192 -10.54 16.79 -15.91
C LYS A 192 -11.50 15.94 -15.05
N MET A 193 -12.73 16.44 -14.84
CA MET A 193 -13.70 15.79 -13.95
C MET A 193 -14.12 14.39 -14.41
N GLU A 194 -14.30 14.17 -15.71
CA GLU A 194 -14.62 12.81 -16.18
C GLU A 194 -13.42 11.88 -16.18
N TRP A 195 -12.21 12.44 -16.30
CA TRP A 195 -10.98 11.68 -16.16
C TRP A 195 -10.91 11.18 -14.72
N ALA A 196 -11.12 12.12 -13.78
CA ALA A 196 -11.20 11.83 -12.35
C ALA A 196 -12.19 10.71 -12.05
N GLN A 197 -13.44 10.88 -12.48
CA GLN A 197 -14.48 9.87 -12.27
C GLN A 197 -14.10 8.47 -12.75
N GLU A 198 -13.53 8.37 -13.96
CA GLU A 198 -13.02 7.09 -14.52
C GLU A 198 -11.90 6.47 -13.68
N GLU A 199 -11.06 7.33 -13.10
CA GLU A 199 -9.98 6.86 -12.26
C GLU A 199 -10.49 6.39 -10.91
N PHE A 200 -11.60 6.97 -10.46
CA PHE A 200 -12.25 6.55 -9.21
C PHE A 200 -12.96 5.20 -9.39
N ASP A 201 -13.75 5.10 -10.46
CA ASP A 201 -14.40 3.86 -10.87
C ASP A 201 -13.43 2.67 -10.89
N TYR A 202 -12.27 2.88 -11.52
CA TYR A 202 -11.24 1.85 -11.66
C TYR A 202 -10.55 1.50 -10.34
N ALA A 203 -10.26 2.51 -9.52
CA ALA A 203 -9.64 2.32 -8.20
C ALA A 203 -10.53 1.52 -7.26
N LEU A 204 -11.84 1.78 -7.34
CA LEU A 204 -12.83 1.07 -6.52
C LEU A 204 -12.95 -0.38 -6.95
N LYS A 205 -12.90 -0.60 -8.26
CA LYS A 205 -12.91 -1.93 -8.87
CA LYS A 205 -12.92 -1.94 -8.84
C LYS A 205 -11.67 -2.73 -8.43
N GLU A 206 -10.50 -2.12 -8.59
CA GLU A 206 -9.21 -2.76 -8.27
C GLU A 206 -8.98 -2.96 -6.76
N GLY A 207 -9.30 -1.92 -5.99
CA GLY A 207 -9.00 -1.89 -4.57
C GLY A 207 -9.94 -2.70 -3.70
N LEU A 208 -11.23 -2.69 -4.01
CA LEU A 208 -12.21 -3.42 -3.21
C LEU A 208 -12.14 -4.93 -3.47
N GLY A 209 -11.27 -5.58 -2.71
CA GLY A 209 -10.91 -6.98 -2.91
C GLY A 209 -9.54 -7.18 -2.28
N PRO A 210 -9.04 -8.43 -2.26
CA PRO A 210 -7.75 -8.76 -1.63
C PRO A 210 -6.57 -8.08 -2.34
N ARG A 211 -5.60 -7.61 -1.56
CA ARG A 211 -4.48 -6.83 -2.10
C ARG A 211 -3.50 -7.63 -2.96
N LYS A 212 -2.75 -6.92 -3.79
CA LYS A 212 -1.79 -7.52 -4.72
C LYS A 212 -0.55 -8.03 -3.99
N GLU A 213 -0.29 -9.32 -4.15
CA GLU A 213 0.96 -9.91 -3.67
C GLU A 213 1.81 -10.25 -4.89
N HIS A 214 3.11 -9.95 -4.82
CA HIS A 214 3.99 -10.22 -5.97
C HIS A 214 4.11 -11.70 -6.31
N LEU A 215 4.56 -11.97 -7.53
CA LEU A 215 4.48 -13.29 -8.15
C LEU A 215 5.05 -14.39 -7.27
N ILE A 216 6.30 -14.23 -6.84
CA ILE A 216 6.93 -15.21 -5.97
C ILE A 216 7.48 -14.54 -4.69
N PRO A 217 6.63 -14.46 -3.65
CA PRO A 217 6.88 -13.75 -2.40
C PRO A 217 8.24 -14.02 -1.71
N TRP A 218 8.65 -15.29 -1.60
CA TRP A 218 9.90 -15.63 -0.91
C TRP A 218 11.17 -15.06 -1.53
N MET A 219 11.06 -14.60 -2.78
CA MET A 219 12.20 -14.11 -3.54
C MET A 219 12.54 -12.68 -3.11
N HIS A 220 11.71 -12.11 -2.23
CA HIS A 220 11.82 -10.72 -1.81
C HIS A 220 12.52 -10.55 -0.47
N VAL A 221 13.54 -11.37 -0.26
CA VAL A 221 14.45 -11.26 0.87
C VAL A 221 15.57 -10.33 0.40
N SER A 222 15.89 -9.32 1.20
CA SER A 222 16.95 -8.38 0.82
CA SER A 222 16.96 -8.38 0.87
C SER A 222 18.30 -9.10 0.73
N HIS A 223 19.10 -8.66 -0.26
CA HIS A 223 20.41 -9.23 -0.60
C HIS A 223 20.35 -10.65 -1.16
N ILE A 224 19.19 -11.01 -1.75
CA ILE A 224 18.95 -12.34 -2.33
C ILE A 224 19.83 -12.60 -3.55
N THR A 225 20.22 -11.51 -4.20
CA THR A 225 21.03 -11.53 -5.41
C THR A 225 22.40 -12.15 -5.17
N GLU A 226 22.90 -12.02 -3.94
CA GLU A 226 24.19 -12.56 -3.54
C GLU A 226 24.19 -14.09 -3.43
N VAL A 227 23.04 -14.70 -3.68
CA VAL A 227 22.80 -16.11 -3.42
C VAL A 227 22.09 -16.78 -4.62
N MET A 228 21.73 -15.96 -5.62
CA MET A 228 20.99 -16.42 -6.82
C MET A 228 21.68 -17.41 -7.75
N ARG A 229 23.01 -17.50 -7.70
CA ARG A 229 23.75 -18.51 -8.45
C ARG A 229 23.63 -19.91 -7.82
N ASP A 230 23.26 -19.94 -6.55
CA ASP A 230 23.28 -21.14 -5.73
C ASP A 230 21.85 -21.58 -5.43
N ARG A 231 21.40 -22.60 -6.14
CA ARG A 231 20.01 -23.07 -6.03
C ARG A 231 19.70 -23.80 -4.72
N GLN A 232 20.73 -24.40 -4.11
CA GLN A 232 20.58 -25.00 -2.77
C GLN A 232 20.42 -23.92 -1.70
N ALA A 233 21.12 -22.80 -1.86
CA ALA A 233 20.94 -21.63 -1.00
C ALA A 233 19.55 -21.06 -1.18
N LEU A 234 19.08 -21.05 -2.43
CA LEU A 234 17.73 -20.57 -2.74
C LEU A 234 16.66 -21.46 -2.13
N ALA A 235 16.90 -22.77 -2.09
CA ALA A 235 16.03 -23.72 -1.39
C ALA A 235 15.99 -23.44 0.12
N ILE A 236 17.11 -23.01 0.68
CA ILE A 236 17.19 -22.63 2.09
C ILE A 236 16.43 -21.32 2.36
N VAL A 237 16.66 -20.31 1.52
CA VAL A 237 15.90 -19.05 1.57
C VAL A 237 14.40 -19.31 1.46
N ARG A 238 13.98 -20.11 0.48
CA ARG A 238 12.59 -20.49 0.32
C ARG A 238 12.00 -21.11 1.58
N ALA A 239 12.71 -22.08 2.15
CA ALA A 239 12.24 -22.84 3.31
C ALA A 239 12.15 -21.97 4.57
N LEU A 240 13.16 -21.14 4.78
CA LEU A 240 13.19 -20.18 5.89
C LEU A 240 12.13 -19.09 5.80
N TRP A 241 11.99 -18.47 4.62
CA TRP A 241 10.94 -17.49 4.38
C TRP A 241 9.56 -18.04 4.69
N THR A 242 9.31 -19.27 4.24
CA THR A 242 8.01 -19.92 4.36
C THR A 242 7.65 -20.17 5.83
N ARG A 243 8.56 -20.79 6.56
CA ARG A 243 8.31 -21.08 7.98
C ARG A 243 8.20 -19.79 8.80
N ARG A 244 9.05 -18.80 8.52
CA ARG A 244 8.96 -17.48 9.14
C ARG A 244 7.61 -16.82 8.88
N ASP A 245 7.06 -17.02 7.69
CA ASP A 245 5.76 -16.43 7.32
C ASP A 245 4.59 -17.09 8.05
N GLU A 246 4.65 -18.41 8.22
CA GLU A 246 3.66 -19.18 8.97
C GLU A 246 3.59 -18.72 10.42
N LEU A 247 4.76 -18.68 11.06
CA LEU A 247 4.90 -18.30 12.46
C LEU A 247 4.61 -16.83 12.71
N ALA A 248 4.89 -15.99 11.74
CA ALA A 248 4.58 -14.56 11.85
C ALA A 248 3.08 -14.31 11.82
N ARG A 249 2.36 -15.09 11.01
CA ARG A 249 0.92 -15.02 10.88
C ARG A 249 0.24 -15.60 12.12
N GLU A 250 0.75 -16.74 12.59
CA GLU A 250 0.23 -17.44 13.75
C GLU A 250 0.38 -16.60 15.01
N TYR A 251 1.53 -15.95 15.16
CA TYR A 251 1.84 -15.16 16.35
C TYR A 251 1.56 -13.66 16.18
N ASP A 252 1.05 -13.28 15.00
CA ASP A 252 0.62 -11.91 14.68
C ASP A 252 1.73 -10.88 14.92
N ILE A 253 2.80 -11.01 14.14
CA ILE A 253 3.99 -10.16 14.31
C ILE A 253 4.67 -10.02 12.95
N ALA A 254 5.28 -8.87 12.69
CA ALA A 254 6.04 -8.63 11.47
C ALA A 254 7.12 -9.69 11.31
N PRO A 255 7.14 -10.39 10.16
CA PRO A 255 8.06 -11.51 9.89
C PRO A 255 9.53 -11.24 10.21
N THR A 256 10.00 -10.03 9.92
CA THR A 256 11.41 -9.68 10.12
C THR A 256 11.77 -9.40 11.58
N LEU A 257 10.76 -9.41 12.45
CA LEU A 257 11.01 -9.38 13.89
C LEU A 257 11.34 -10.77 14.42
N LEU A 258 10.87 -11.80 13.71
CA LEU A 258 11.14 -13.17 14.09
C LEU A 258 12.49 -13.67 13.62
N LEU A 259 12.87 -13.22 12.41
CA LEU A 259 14.10 -13.64 11.78
C LEU A 259 14.44 -12.60 10.71
N SER A 260 15.66 -12.08 10.77
CA SER A 260 16.15 -11.10 9.82
C SER A 260 16.45 -11.72 8.47
N ASP A 261 16.48 -10.88 7.42
CA ASP A 261 16.89 -11.28 6.09
C ASP A 261 18.40 -11.58 6.02
N SER A 262 19.19 -10.82 6.77
CA SER A 262 20.63 -11.07 6.92
C SER A 262 20.92 -12.47 7.41
N SER A 263 20.20 -12.91 8.44
CA SER A 263 20.34 -14.27 9.00
C SER A 263 20.01 -15.33 7.97
N ILE A 264 18.88 -15.17 7.28
CA ILE A 264 18.44 -16.05 6.19
C ILE A 264 19.53 -16.20 5.11
N ILE A 265 20.01 -15.07 4.57
CA ILE A 265 21.08 -15.08 3.56
C ILE A 265 22.37 -15.70 4.11
N GLU A 266 22.72 -15.34 5.35
CA GLU A 266 23.91 -15.87 6.01
C GLU A 266 23.92 -17.39 6.10
N VAL A 267 22.82 -17.98 6.54
CA VAL A 267 22.74 -19.44 6.70
C VAL A 267 22.57 -20.16 5.36
N ALA A 268 22.05 -19.45 4.36
CA ALA A 268 21.94 -20.01 3.01
C ALA A 268 23.29 -20.09 2.34
N LYS A 269 24.15 -19.11 2.64
CA LYS A 269 25.55 -19.12 2.21
C LYS A 269 26.33 -20.22 2.92
N ARG A 270 26.23 -20.25 4.25
CA ARG A 270 27.08 -21.10 5.08
C ARG A 270 26.64 -22.55 5.15
N LYS A 271 25.33 -22.79 5.00
CA LYS A 271 24.72 -24.12 5.09
C LYS A 271 25.19 -24.97 6.30
N PRO A 272 24.78 -24.58 7.53
CA PRO A 272 25.12 -25.40 8.70
C PRO A 272 24.47 -26.79 8.65
N HIS A 273 25.28 -27.84 8.81
CA HIS A 273 24.81 -29.21 8.66
C HIS A 273 24.47 -29.83 10.01
N ASN A 274 24.95 -29.20 11.08
CA ASN A 274 24.68 -29.67 12.43
C ASN A 274 24.43 -28.53 13.42
N ALA A 275 24.23 -28.90 14.69
CA ALA A 275 23.96 -27.94 15.77
C ALA A 275 25.14 -27.03 16.11
N ALA A 276 26.36 -27.58 16.14
CA ALA A 276 27.56 -26.79 16.41
C ALA A 276 27.81 -25.79 15.29
N GLN A 277 27.54 -26.22 14.06
CA GLN A 277 27.72 -25.37 12.87
C GLN A 277 26.66 -24.26 12.84
N PHE A 278 25.50 -24.55 13.41
CA PHE A 278 24.43 -23.56 13.53
C PHE A 278 24.78 -22.49 14.57
N ARG A 279 25.33 -22.93 15.70
CA ARG A 279 25.68 -22.02 16.80
C ARG A 279 26.80 -21.03 16.46
N SER A 280 27.62 -21.40 15.48
CA SER A 280 28.70 -20.53 15.02
CA SER A 280 28.71 -20.55 14.98
C SER A 280 28.17 -19.29 14.30
N ILE A 281 26.95 -19.37 13.78
CA ILE A 281 26.26 -18.23 13.19
C ILE A 281 25.44 -17.56 14.28
N ARG A 282 25.94 -16.40 14.74
CA ARG A 282 25.41 -15.69 15.89
CA ARG A 282 25.38 -15.71 15.90
CA ARG A 282 25.38 -15.73 15.90
C ARG A 282 24.01 -15.09 15.66
N SER A 283 23.86 -14.42 14.52
CA SER A 283 22.64 -13.69 14.18
C SER A 283 21.35 -14.50 14.29
N ILE A 284 21.40 -15.76 13.85
CA ILE A 284 20.25 -16.68 13.90
C ILE A 284 20.03 -17.32 15.29
N ASN A 285 21.00 -17.16 16.20
CA ASN A 285 20.86 -17.63 17.58
C ASN A 285 20.46 -16.53 18.57
N GLU A 286 20.37 -15.30 18.08
CA GLU A 286 19.94 -14.19 18.94
C GLU A 286 18.67 -13.55 18.44
N ARG A 287 17.93 -12.97 19.38
CA ARG A 287 16.71 -12.22 19.11
C ARG A 287 16.99 -11.00 18.27
N VAL A 288 16.12 -10.74 17.29
CA VAL A 288 16.18 -9.55 16.45
C VAL A 288 15.96 -8.31 17.31
N ARG A 289 16.86 -7.33 17.18
CA ARG A 289 16.78 -6.10 17.96
CA ARG A 289 16.80 -6.10 17.96
C ARG A 289 16.70 -4.87 17.06
N ILE A 290 15.57 -4.17 17.13
CA ILE A 290 15.40 -2.95 16.35
C ILE A 290 16.01 -1.78 17.11
N HIS A 291 17.09 -1.23 16.56
N HIS A 291 17.09 -1.22 16.57
CA HIS A 291 17.74 -0.06 17.13
CA HIS A 291 17.73 -0.04 17.16
C HIS A 291 17.61 1.13 16.16
C HIS A 291 17.66 1.14 16.20
N THR A 292 16.91 2.17 16.59
CA THR A 292 16.74 3.38 15.79
C THR A 292 17.10 4.62 16.61
N ASP A 293 17.51 4.37 17.87
CA ASP A 293 17.82 5.41 18.87
C ASP A 293 16.63 6.36 19.13
N SER A 294 15.42 5.82 19.07
CA SER A 294 14.17 6.58 19.19
C SER A 294 13.28 6.04 20.31
N GLU A 295 12.14 6.70 20.50
CA GLU A 295 11.05 6.21 21.34
C GLU A 295 10.38 4.96 20.75
N GLN A 296 10.65 4.72 19.46
CA GLN A 296 10.16 3.55 18.73
C GLN A 296 10.80 2.25 19.22
N ASP A 297 12.00 2.35 19.78
CA ASP A 297 12.74 1.18 20.25
C ASP A 297 12.02 0.46 21.38
N LYS A 298 11.51 1.21 22.35
CA LYS A 298 10.64 0.67 23.41
C LYS A 298 9.33 0.10 22.86
N MET A 299 8.87 0.64 21.73
CA MET A 299 7.63 0.19 21.11
C MET A 299 7.79 -1.16 20.42
N PHE A 300 8.96 -1.41 19.85
CA PHE A 300 9.29 -2.71 19.27
C PHE A 300 9.58 -3.74 20.36
N GLU A 301 10.26 -3.29 21.42
CA GLU A 301 10.65 -4.15 22.55
C GLU A 301 9.50 -4.86 23.25
N ARG A 302 8.29 -4.33 23.06
CA ARG A 302 7.05 -4.95 23.54
CA ARG A 302 7.06 -4.95 23.55
C ARG A 302 6.82 -6.32 22.94
N TYR A 303 7.39 -6.57 21.77
CA TYR A 303 7.23 -7.81 21.04
C TYR A 303 8.26 -8.87 21.42
N ALA A 304 9.17 -8.53 22.33
CA ALA A 304 10.20 -9.45 22.82
C ALA A 304 9.69 -10.80 23.35
N PRO A 305 8.61 -10.81 24.18
CA PRO A 305 8.07 -12.12 24.61
C PRO A 305 7.55 -13.04 23.49
N ILE A 306 7.09 -12.45 22.38
CA ILE A 306 6.71 -13.24 21.21
C ILE A 306 7.98 -13.71 20.48
N GLN A 307 8.97 -12.82 20.37
CA GLN A 307 10.22 -13.16 19.72
C GLN A 307 10.92 -14.33 20.43
N ARG A 308 10.92 -14.30 21.77
CA ARG A 308 11.52 -15.34 22.63
CA ARG A 308 11.57 -15.36 22.53
C ARG A 308 10.78 -16.67 22.50
N LYS A 309 9.53 -16.64 22.04
CA LYS A 309 8.69 -17.83 21.93
C LYS A 309 9.14 -18.72 20.76
N ILE A 310 9.81 -18.09 19.80
CA ILE A 310 10.37 -18.82 18.67
C ILE A 310 11.87 -19.00 18.92
N LYS A 311 12.30 -20.27 18.98
CA LYS A 311 13.66 -20.63 19.35
C LYS A 311 14.51 -20.87 18.10
N PRO A 312 15.84 -20.65 18.21
CA PRO A 312 16.81 -21.00 17.17
C PRO A 312 16.65 -22.42 16.60
N SER A 313 16.34 -23.39 17.46
CA SER A 313 16.18 -24.80 17.06
CA SER A 313 16.20 -24.79 17.05
C SER A 313 15.15 -24.98 15.96
N MET A 314 14.14 -24.11 15.93
CA MET A 314 13.07 -24.18 14.92
C MET A 314 13.60 -23.83 13.53
N TRP A 315 14.55 -22.91 13.46
CA TRP A 315 15.18 -22.57 12.19
C TRP A 315 16.17 -23.64 11.78
N LYS A 316 16.85 -24.21 12.76
CA LYS A 316 17.82 -25.32 12.56
C LYS A 316 17.16 -26.52 11.84
N ASN A 317 15.98 -26.92 12.32
CA ASN A 317 15.18 -27.99 11.70
C ASN A 317 14.78 -27.69 10.25
N ILE A 318 14.50 -26.42 9.97
CA ILE A 318 14.10 -26.00 8.63
C ILE A 318 15.29 -26.08 7.67
N ILE A 319 16.47 -25.67 8.14
CA ILE A 319 17.69 -25.73 7.33
CA ILE A 319 17.73 -25.75 7.37
C ILE A 319 18.02 -27.19 6.97
N GLN A 320 17.83 -28.09 7.95
CA GLN A 320 17.97 -29.55 7.74
C GLN A 320 17.09 -30.07 6.61
N ASP A 321 15.80 -29.71 6.67
CA ASP A 321 14.81 -30.06 5.65
C ASP A 321 15.20 -29.56 4.26
N ALA A 322 15.59 -28.29 4.19
CA ALA A 322 16.02 -27.67 2.96
C ALA A 322 17.24 -28.38 2.34
N LEU A 323 18.16 -28.80 3.20
CA LEU A 323 19.40 -29.47 2.76
C LEU A 323 19.16 -30.95 2.46
N ALA A 324 17.99 -31.47 2.83
CA ALA A 324 17.63 -32.86 2.53
C ALA A 324 16.81 -32.97 1.23
N LEU A 325 16.54 -31.82 0.60
CA LEU A 325 15.82 -31.78 -0.66
C LEU A 325 16.62 -32.36 -1.81
N PRO A 326 15.97 -33.15 -2.68
CA PRO A 326 16.59 -33.59 -3.93
C PRO A 326 16.89 -32.37 -4.79
N PRO A 327 18.07 -32.31 -5.42
CA PRO A 327 18.50 -31.21 -6.28
C PRO A 327 17.49 -30.83 -7.38
N SER A 328 16.67 -31.80 -7.80
CA SER A 328 15.63 -31.57 -8.81
C SER A 328 14.41 -30.84 -8.25
N GLU A 329 14.46 -30.48 -6.97
CA GLU A 329 13.38 -29.72 -6.34
C GLU A 329 13.77 -28.30 -5.96
N TRP A 330 15.06 -27.99 -6.07
CA TRP A 330 15.56 -26.63 -5.90
C TRP A 330 14.97 -25.71 -6.96
N PRO A 331 14.58 -24.48 -6.57
CA PRO A 331 14.07 -23.50 -7.51
C PRO A 331 15.20 -22.90 -8.35
N ASP A 332 14.83 -22.20 -9.43
CA ASP A 332 15.80 -21.63 -10.37
C ASP A 332 16.63 -20.48 -9.78
N SER A 347 5.76 -9.62 -20.86
CA SER A 347 5.85 -8.20 -20.54
C SER A 347 7.29 -7.68 -20.57
N ALA A 348 7.41 -6.39 -20.89
CA ALA A 348 8.70 -5.73 -21.10
C ALA A 348 9.49 -5.52 -19.80
N PRO A 349 10.84 -5.56 -19.88
CA PRO A 349 11.71 -5.09 -18.80
C PRO A 349 11.47 -3.62 -18.48
N LYS A 350 11.47 -3.27 -17.20
CA LYS A 350 11.28 -1.89 -16.76
C LYS A 350 12.56 -1.08 -16.95
N SER A 351 13.70 -1.77 -17.00
CA SER A 351 15.00 -1.14 -17.09
C SER A 351 15.33 -0.76 -18.54
N ILE A 352 15.59 0.53 -18.77
CA ILE A 352 15.94 1.03 -20.10
C ILE A 352 17.30 0.51 -20.53
N ARG A 353 18.17 0.24 -19.54
CA ARG A 353 19.49 -0.36 -19.78
C ARG A 353 19.40 -1.67 -20.56
N VAL A 354 18.46 -2.53 -20.18
CA VAL A 354 18.18 -3.79 -20.87
C VAL A 354 17.72 -3.56 -22.32
N TRP A 355 16.77 -2.63 -22.49
CA TRP A 355 16.30 -2.22 -23.81
C TRP A 355 17.46 -1.72 -24.67
N LYS A 356 18.28 -0.82 -24.12
CA LYS A 356 19.39 -0.19 -24.85
C LYS A 356 20.47 -1.19 -25.27
N GLU A 357 20.82 -2.09 -24.37
CA GLU A 357 21.88 -3.06 -24.60
C GLU A 357 21.47 -4.18 -25.57
N ARG A 358 20.24 -4.67 -25.40
CA ARG A 358 19.80 -5.89 -26.10
C ARG A 358 18.85 -5.67 -27.29
N TYR A 359 18.01 -4.62 -27.22
CA TYR A 359 17.02 -4.34 -28.25
C TYR A 359 16.99 -2.84 -28.62
N PRO A 360 18.07 -2.33 -29.25
CA PRO A 360 18.15 -0.89 -29.51
C PRO A 360 17.09 -0.40 -30.50
N GLU A 361 16.67 -1.29 -31.41
CA GLU A 361 15.66 -0.98 -32.42
C GLU A 361 14.26 -0.83 -31.82
N ARG A 362 13.94 -1.69 -30.84
CA ARG A 362 12.71 -1.57 -30.06
C ARG A 362 12.70 -0.29 -29.23
N LEU A 363 13.86 0.08 -28.67
CA LEU A 363 14.02 1.30 -27.86
C LEU A 363 13.79 2.60 -28.66
N GLN A 364 14.26 2.63 -29.90
CA GLN A 364 14.03 3.76 -30.80
CA GLN A 364 14.03 3.77 -30.80
C GLN A 364 12.54 4.07 -30.97
N VAL A 365 11.75 3.00 -31.14
CA VAL A 365 10.29 3.09 -31.24
C VAL A 365 9.68 3.57 -29.92
N LEU A 366 10.14 2.99 -28.81
CA LEU A 366 9.69 3.36 -27.46
C LEU A 366 9.96 4.82 -27.14
N ASN A 367 11.15 5.31 -27.49
CA ASN A 367 11.52 6.69 -27.23
C ASN A 367 10.67 7.69 -28.02
N ARG A 368 10.32 7.34 -29.26
CA ARG A 368 9.32 8.10 -30.03
C ARG A 368 7.95 8.09 -29.34
N VAL A 369 7.53 6.95 -28.81
CA VAL A 369 6.28 6.83 -28.05
C VAL A 369 6.32 7.66 -26.74
N ARG A 370 7.41 7.52 -26.00
CA ARG A 370 7.65 8.27 -24.76
C ARG A 370 7.62 9.79 -24.94
N LYS A 371 8.23 10.28 -26.02
CA LYS A 371 8.21 11.74 -26.25
CA LYS A 371 8.23 11.73 -26.34
C LYS A 371 6.83 12.22 -26.68
N ALA A 372 6.04 11.35 -27.31
CA ALA A 372 4.69 11.66 -27.74
C ALA A 372 3.78 11.76 -26.51
N VAL A 373 3.95 10.83 -25.58
CA VAL A 373 3.19 10.82 -24.33
C VAL A 373 3.61 12.01 -23.43
N SER A 374 4.90 12.33 -23.40
CA SER A 374 5.41 13.50 -22.67
C SER A 374 4.86 14.82 -23.22
N GLN A 375 4.74 14.91 -24.54
CA GLN A 375 4.18 16.09 -25.17
C GLN A 375 2.72 16.31 -24.73
N ILE A 376 1.95 15.22 -24.65
CA ILE A 376 0.55 15.28 -24.22
C ILE A 376 0.44 15.67 -22.73
N ALA A 377 1.36 15.13 -21.93
CA ALA A 377 1.50 15.46 -20.53
C ALA A 377 1.66 16.97 -20.32
N GLU A 378 2.58 17.59 -21.06
CA GLU A 378 2.76 19.05 -21.09
C GLU A 378 1.52 19.82 -21.50
N ASP A 379 0.97 19.48 -22.66
CA ASP A 379 -0.16 20.20 -23.24
C ASP A 379 -1.45 20.13 -22.41
N THR A 380 -1.57 19.09 -21.58
CA THR A 380 -2.70 18.95 -20.66
C THR A 380 -2.33 19.23 -19.20
N ARG A 381 -1.05 19.46 -18.92
CA ARG A 381 -0.53 19.69 -17.56
C ARG A 381 -0.92 18.57 -16.58
N THR A 382 -0.62 17.35 -16.99
CA THR A 382 -0.89 16.14 -16.24
C THR A 382 0.46 15.42 -16.16
N PRO A 383 0.86 14.90 -14.97
CA PRO A 383 2.09 14.12 -14.89
C PRO A 383 2.09 12.96 -15.88
N VAL A 384 3.23 12.74 -16.54
CA VAL A 384 3.35 11.76 -17.63
C VAL A 384 2.96 10.33 -17.20
N GLU A 385 3.27 9.99 -15.95
CA GLU A 385 2.93 8.67 -15.42
CA GLU A 385 2.93 8.69 -15.36
C GLU A 385 1.43 8.53 -15.15
N ILE A 386 0.73 9.65 -14.99
CA ILE A 386 -0.72 9.68 -14.74
C ILE A 386 -1.51 9.62 -16.07
N VAL A 387 -1.00 10.29 -17.11
CA VAL A 387 -1.55 10.27 -18.47
C VAL A 387 -1.82 8.84 -18.96
N ILE A 388 -0.82 7.98 -18.76
CA ILE A 388 -0.93 6.53 -18.96
C ILE A 388 0.21 5.86 -18.20
N LYS A 389 -0.03 4.65 -17.67
CA LYS A 389 0.99 3.89 -16.96
C LYS A 389 2.17 3.55 -17.86
N PRO A 390 3.38 4.00 -17.47
CA PRO A 390 4.61 3.83 -18.22
C PRO A 390 4.84 2.41 -18.71
N GLN A 391 4.48 1.41 -17.90
CA GLN A 391 4.64 -0.01 -18.26
C GLN A 391 3.79 -0.44 -19.48
N TYR A 392 2.64 0.19 -19.67
CA TYR A 392 1.77 -0.16 -20.80
C TYR A 392 2.40 0.21 -22.14
N LEU A 393 3.12 1.33 -22.16
CA LEU A 393 3.88 1.79 -23.34
C LEU A 393 5.09 0.92 -23.62
N ARG A 394 5.75 0.46 -22.56
CA ARG A 394 6.85 -0.50 -22.66
C ARG A 394 6.38 -1.85 -23.22
N ASN A 395 5.30 -2.38 -22.65
CA ASN A 395 4.68 -3.61 -23.16
C ASN A 395 4.31 -3.52 -24.65
N LEU A 396 3.73 -2.38 -25.04
CA LEU A 396 3.34 -2.09 -26.43
C LEU A 396 4.50 -2.12 -27.43
N CYS A 397 5.64 -1.58 -27.00
CA CYS A 397 6.81 -1.48 -27.86
C CYS A 397 7.73 -2.71 -27.74
N TRP A 398 7.36 -3.63 -26.86
CA TRP A 398 8.12 -4.88 -26.65
C TRP A 398 7.80 -5.90 -27.74
N THR A 399 8.22 -5.57 -28.97
CA THR A 399 7.87 -6.32 -30.16
C THR A 399 8.80 -5.89 -31.31
N ASP A 400 9.04 -6.81 -32.24
CA ASP A 400 9.78 -6.48 -33.46
C ASP A 400 8.82 -6.11 -34.60
N GLU A 401 7.53 -6.06 -34.28
CA GLU A 401 6.49 -5.67 -35.23
C GLU A 401 5.56 -4.60 -34.61
N PRO A 402 6.10 -3.40 -34.27
CA PRO A 402 5.25 -2.44 -33.55
C PRO A 402 4.18 -1.79 -34.41
N ARG A 403 4.38 -1.80 -35.73
CA ARG A 403 3.43 -1.20 -36.66
C ARG A 403 2.18 -2.06 -36.85
N LYS A 404 2.23 -3.31 -36.39
CA LYS A 404 1.11 -4.24 -36.48
CA LYS A 404 1.10 -4.22 -36.48
C LYS A 404 0.23 -4.22 -35.22
N ARG A 405 0.58 -3.34 -34.27
CA ARG A 405 -0.20 -3.17 -33.05
C ARG A 405 -1.50 -2.42 -33.35
N ASP A 406 -2.59 -2.89 -32.78
CA ASP A 406 -3.78 -2.07 -32.67
C ASP A 406 -3.56 -1.34 -31.35
N VAL A 407 -3.06 -0.11 -31.45
CA VAL A 407 -2.62 0.67 -30.28
C VAL A 407 -3.76 0.89 -29.29
N ALA A 408 -4.88 1.42 -29.78
CA ALA A 408 -6.05 1.67 -28.95
C ALA A 408 -6.57 0.43 -28.23
N ARG A 409 -6.61 -0.71 -28.94
CA ARG A 409 -7.07 -1.98 -28.37
C ARG A 409 -6.06 -2.59 -27.38
N PHE A 410 -4.77 -2.62 -27.78
CA PHE A 410 -3.70 -3.16 -26.93
C PHE A 410 -3.65 -2.43 -25.60
N LEU A 411 -3.74 -1.11 -25.65
CA LEU A 411 -3.66 -0.26 -24.45
C LEU A 411 -4.84 -0.48 -23.53
N SER A 412 -6.01 -0.66 -24.13
CA SER A 412 -7.24 -0.98 -23.41
C SER A 412 -7.14 -2.33 -22.71
N GLU A 413 -6.73 -3.36 -23.46
CA GLU A 413 -6.50 -4.71 -22.92
C GLU A 413 -5.40 -4.78 -21.84
N GLN A 414 -4.51 -3.78 -21.82
CA GLN A 414 -3.50 -3.65 -20.77
C GLN A 414 -4.10 -3.17 -19.45
N GLY A 415 -5.20 -2.43 -19.54
CA GLY A 415 -5.90 -1.93 -18.37
C GLY A 415 -5.98 -0.40 -18.31
N ALA A 416 -5.59 0.27 -19.38
CA ALA A 416 -5.73 1.72 -19.50
C ALA A 416 -7.18 2.12 -19.65
N ARG A 417 -7.52 3.25 -19.06
CA ARG A 417 -8.88 3.74 -19.06
C ARG A 417 -9.24 4.34 -20.41
N ASP A 418 -10.54 4.41 -20.68
CA ASP A 418 -11.05 4.98 -21.92
C ASP A 418 -10.53 6.38 -22.21
N TRP A 419 -10.46 7.23 -21.18
CA TRP A 419 -9.96 8.60 -21.36
C TRP A 419 -8.47 8.64 -21.75
N GLN A 420 -7.71 7.68 -21.23
CA GLN A 420 -6.28 7.60 -21.49
C GLN A 420 -6.05 7.17 -22.92
N VAL A 421 -6.80 6.16 -23.35
CA VAL A 421 -6.80 5.65 -24.73
C VAL A 421 -7.23 6.72 -25.74
N SER A 422 -8.34 7.40 -25.47
CA SER A 422 -8.82 8.49 -26.32
C SER A 422 -7.86 9.67 -26.45
N LEU A 423 -7.14 9.97 -25.37
CA LEU A 423 -6.16 11.06 -25.36
C LEU A 423 -4.86 10.67 -26.04
N VAL A 424 -4.49 9.40 -25.96
CA VAL A 424 -3.11 9.02 -26.24
C VAL A 424 -2.92 8.20 -27.52
N ALA A 425 -3.84 7.27 -27.78
CA ALA A 425 -3.59 6.15 -28.72
C ALA A 425 -3.23 6.53 -30.14
N GLU A 426 -3.88 7.56 -30.69
CA GLU A 426 -3.65 7.98 -32.07
C GLU A 426 -2.26 8.60 -32.23
N SER A 427 -1.89 9.47 -31.28
CA SER A 427 -0.58 10.10 -31.32
CA SER A 427 -0.58 10.11 -31.29
C SER A 427 0.52 9.07 -31.11
N VAL A 428 0.24 8.05 -30.30
CA VAL A 428 1.21 6.96 -30.05
C VAL A 428 1.36 6.14 -31.34
N SER A 429 0.22 5.79 -31.94
CA SER A 429 0.17 5.11 -33.25
C SER A 429 1.00 5.84 -34.32
N ARG A 430 0.86 7.16 -34.36
CA ARG A 430 1.65 8.00 -35.27
C ARG A 430 3.15 8.00 -34.96
N ALA A 431 3.50 8.01 -33.67
CA ALA A 431 4.90 7.95 -33.25
C ALA A 431 5.56 6.62 -33.64
N ILE A 432 4.83 5.52 -33.43
CA ILE A 432 5.26 4.17 -33.83
C ILE A 432 5.54 4.09 -35.33
N GLU A 433 4.63 4.63 -36.13
CA GLU A 433 4.77 4.64 -37.59
CA GLU A 433 4.75 4.63 -37.58
C GLU A 433 5.95 5.48 -38.02
N GLY A 434 6.11 6.64 -37.38
CA GLY A 434 7.23 7.53 -37.63
C GLY A 434 6.91 8.61 -38.64
#